data_6M3D
#
_entry.id   6M3D
#
_cell.length_a   39.798
_cell.length_b   61.437
_cell.length_c   39.976
_cell.angle_alpha   90.000
_cell.angle_beta   106.447
_cell.angle_gamma   90.000
#
_symmetry.space_group_name_H-M   'P 1 21 1'
#
loop_
_entity.id
_entity.type
_entity.pdbx_description
1 polymer "DNA (5'-D(*TP*AP*AP*TP*CP*CP*TP*AP*AP*TP*CP*C)-3')"
2 polymer "DNA (5'-D(*GP*GP*AP*TP*TP*AP*GP*GP*AP*TP*TP*A)-3')"
3 polymer 'Segmentation polarity homeobox protein engrailed,Segmentation polarity homeobox protein engrailed'
4 non-polymer 'SODIUM ION'
5 water water
#
loop_
_entity_poly.entity_id
_entity_poly.type
_entity_poly.pdbx_seq_one_letter_code
_entity_poly.pdbx_strand_id
1 'polydeoxyribonucleotide' (DT)(DA)(DA)(DT)(DC)(DC)(DT)(DA)(DA)(DT)(DC)(DC) A
2 'polydeoxyribonucleotide' (DG)(DG)(DA)(DT)(DT)(DA)(DG)(DG)(DA)(DT)(DT)(DA) B
3 'polypeptide(L)'
;MGSSHHHHHHAIEDLYFQSPGDEKRPRTAFSSEQLARLKREFNENRYLTERRRQQLSSELGLNEAQIKIWFKNKAAKIKK
SGGGGGDEKRPRTAFSSEQLARLKREFNENRYLTERRRQQLSSELGLNEAQIKIWFKNKAAKIKKSGT
;
C
#
# COMPACT_ATOMS: atom_id res chain seq x y z
N ARG C 27 -1.59 -26.92 12.65
CA ARG C 27 -1.93 -27.35 14.01
C ARG C 27 -1.53 -26.31 15.06
N THR C 28 -0.81 -25.28 14.62
CA THR C 28 -0.32 -24.24 15.50
C THR C 28 -1.05 -22.93 15.21
N ALA C 29 -1.42 -22.22 16.27
CA ALA C 29 -2.03 -20.92 16.10
C ALA C 29 -1.02 -19.93 15.54
N PHE C 30 -1.51 -19.01 14.70
CA PHE C 30 -0.67 -17.88 14.33
C PHE C 30 -0.17 -17.19 15.59
N SER C 31 1.10 -16.81 15.59
CA SER C 31 1.62 -16.05 16.72
C SER C 31 1.05 -14.63 16.71
N SER C 32 1.26 -13.92 17.83
CA SER C 32 0.83 -12.54 17.89
C SER C 32 1.46 -11.70 16.78
N GLU C 33 2.75 -11.93 16.49
CA GLU C 33 3.41 -11.15 15.44
CA GLU C 33 3.38 -11.12 15.44
C GLU C 33 2.88 -11.53 14.06
N GLN C 34 2.62 -12.83 13.84
CA GLN C 34 2.10 -13.26 12.55
C GLN C 34 0.73 -12.65 12.30
N LEU C 35 -0.17 -12.73 13.28
CA LEU C 35 -1.49 -12.13 13.12
C LEU C 35 -1.38 -10.63 12.89
N ALA C 36 -0.54 -9.96 13.68
CA ALA C 36 -0.40 -8.52 13.53
C ALA C 36 0.12 -8.15 12.14
N ARG C 37 1.09 -8.92 11.63
CA ARG C 37 1.63 -8.63 10.31
C ARG C 37 0.58 -8.87 9.22
N LEU C 38 -0.18 -9.97 9.31
CA LEU C 38 -1.21 -10.22 8.32
C LEU C 38 -2.25 -9.11 8.30
N LYS C 39 -2.65 -8.64 9.48
CA LYS C 39 -3.64 -7.57 9.54
C LYS C 39 -3.09 -6.28 8.93
N ARG C 40 -1.82 -5.96 9.20
CA ARG C 40 -1.21 -4.80 8.57
CA ARG C 40 -1.21 -4.79 8.58
C ARG C 40 -1.18 -4.94 7.06
N GLU C 41 -0.72 -6.10 6.57
CA GLU C 41 -0.63 -6.32 5.13
C GLU C 41 -1.98 -6.19 4.46
N PHE C 42 -3.02 -6.78 5.06
CA PHE C 42 -4.34 -6.76 4.43
C PHE C 42 -4.91 -5.34 4.40
N ASN C 43 -4.72 -4.58 5.47
CA ASN C 43 -5.19 -3.19 5.49
C ASN C 43 -4.48 -2.36 4.43
N GLU C 44 -3.18 -2.58 4.28
CA GLU C 44 -2.41 -1.85 3.28
CA GLU C 44 -2.39 -1.86 3.28
C GLU C 44 -2.82 -2.25 1.86
N ASN C 45 -3.07 -3.53 1.61
CA ASN C 45 -3.37 -3.99 0.26
C ASN C 45 -4.00 -5.37 0.39
N ARG C 46 -5.26 -5.50 0.00
CA ARG C 46 -5.91 -6.80 0.12
C ARG C 46 -5.66 -7.69 -1.09
N TYR C 47 -4.88 -7.24 -2.07
CA TYR C 47 -4.64 -8.01 -3.28
C TYR C 47 -3.37 -8.82 -3.14
N LEU C 48 -3.51 -10.15 -3.28
CA LEU C 48 -2.42 -11.09 -3.10
CA LEU C 48 -2.43 -11.10 -3.09
C LEU C 48 -1.99 -11.62 -4.46
N THR C 49 -0.88 -11.09 -4.98
CA THR C 49 -0.27 -11.69 -6.16
C THR C 49 0.45 -12.97 -5.77
N GLU C 50 0.84 -13.74 -6.79
CA GLU C 50 1.61 -14.95 -6.56
C GLU C 50 2.91 -14.64 -5.83
N ARG C 51 3.65 -13.65 -6.31
CA ARG C 51 4.92 -13.32 -5.66
CA ARG C 51 4.92 -13.29 -5.68
C ARG C 51 4.71 -12.78 -4.26
N ARG C 52 3.61 -12.05 -4.02
CA ARG C 52 3.39 -11.52 -2.68
C ARG C 52 3.02 -12.64 -1.72
N ARG C 53 2.19 -13.59 -2.19
CA ARG C 53 1.89 -14.76 -1.39
C ARG C 53 3.15 -15.55 -1.07
N GLN C 54 4.05 -15.71 -2.05
CA GLN C 54 5.32 -16.38 -1.78
C GLN C 54 6.18 -15.58 -0.81
N GLN C 55 6.28 -14.26 -1.00
CA GLN C 55 7.08 -13.47 -0.09
C GLN C 55 6.53 -13.54 1.34
N LEU C 56 5.21 -13.39 1.51
CA LEU C 56 4.66 -13.39 2.86
C LEU C 56 4.78 -14.76 3.51
N SER C 57 4.58 -15.82 2.72
CA SER C 57 4.80 -17.19 3.23
C SER C 57 6.22 -17.34 3.78
N SER C 58 7.23 -16.95 3.00
CA SER C 58 8.61 -17.06 3.48
C SER C 58 8.88 -16.15 4.66
N GLU C 59 8.45 -14.87 4.58
CA GLU C 59 8.75 -13.94 5.65
C GLU C 59 8.10 -14.35 6.96
N LEU C 60 6.88 -14.92 6.88
CA LEU C 60 6.12 -15.21 8.08
C LEU C 60 6.32 -16.63 8.58
N GLY C 61 6.86 -17.52 7.75
CA GLY C 61 7.00 -18.89 8.15
C GLY C 61 5.66 -19.60 8.21
N LEU C 62 4.77 -19.27 7.27
CA LEU C 62 3.48 -19.93 7.11
C LEU C 62 3.36 -20.47 5.69
N ASN C 63 2.52 -21.48 5.51
CA ASN C 63 2.25 -22.03 4.18
C ASN C 63 1.56 -21.02 3.28
N GLU C 64 1.83 -21.13 1.98
CA GLU C 64 1.07 -20.34 1.01
C GLU C 64 -0.43 -20.59 1.16
N ALA C 65 -0.83 -21.84 1.41
CA ALA C 65 -2.26 -22.10 1.56
C ALA C 65 -2.83 -21.34 2.75
N GLN C 66 -2.06 -21.22 3.82
CA GLN C 66 -2.52 -20.50 5.00
C GLN C 66 -2.71 -19.02 4.68
N ILE C 67 -1.72 -18.43 4.03
CA ILE C 67 -1.82 -17.01 3.65
C ILE C 67 -3.01 -16.80 2.74
N LYS C 68 -3.13 -17.64 1.71
CA LYS C 68 -4.21 -17.49 0.74
CA LYS C 68 -4.21 -17.49 0.74
C LYS C 68 -5.57 -17.61 1.42
N ILE C 69 -5.74 -18.63 2.28
CA ILE C 69 -7.02 -18.82 2.96
C ILE C 69 -7.34 -17.64 3.87
N TRP C 70 -6.32 -17.12 4.58
CA TRP C 70 -6.58 -16.03 5.51
C TRP C 70 -7.04 -14.79 4.76
N PHE C 71 -6.39 -14.48 3.63
CA PHE C 71 -6.79 -13.31 2.86
C PHE C 71 -8.18 -13.49 2.27
N LYS C 72 -8.47 -14.68 1.73
CA LYS C 72 -9.79 -14.94 1.17
C LYS C 72 -10.87 -14.77 2.23
N ASN C 73 -10.66 -15.38 3.42
CA ASN C 73 -11.61 -15.21 4.51
C ASN C 73 -11.83 -13.73 4.82
N LYS C 74 -10.74 -12.99 4.95
CA LYS C 74 -10.83 -11.59 5.38
C LYS C 74 -11.60 -10.75 4.37
N ALA C 75 -11.49 -11.07 3.08
CA ALA C 75 -12.09 -10.27 2.02
C ALA C 75 -13.46 -10.76 1.58
N ALA C 76 -13.89 -11.91 2.08
CA ALA C 76 -15.16 -12.51 1.64
C ALA C 76 -16.35 -11.60 1.95
N ARG C 90 -5.60 -6.73 -11.00
N ARG C 90 -6.04 -7.40 -10.24
CA ARG C 90 -4.73 -5.74 -10.38
CA ARG C 90 -5.17 -6.33 -9.75
C ARG C 90 -5.55 -4.55 -9.89
C ARG C 90 -5.93 -5.02 -9.74
N PRO C 91 -6.02 -4.61 -8.63
N PRO C 91 -6.51 -4.67 -8.59
CA PRO C 91 -6.83 -3.51 -8.07
CA PRO C 91 -7.21 -3.39 -8.48
C PRO C 91 -6.13 -2.17 -8.12
C PRO C 91 -6.27 -2.22 -8.74
N ARG C 92 -6.65 -1.26 -8.93
N ARG C 92 -6.84 -1.14 -9.29
CA ARG C 92 -6.11 0.09 -9.07
CA ARG C 92 -6.09 0.08 -9.57
C ARG C 92 -7.09 1.07 -8.46
C ARG C 92 -6.92 1.26 -9.08
N THR C 93 -6.59 1.91 -7.56
N THR C 93 -6.52 1.83 -7.95
CA THR C 93 -7.43 2.98 -7.02
CA THR C 93 -7.24 2.95 -7.37
C THR C 93 -7.72 3.99 -8.12
C THR C 93 -7.25 4.10 -8.34
N ALA C 94 -8.95 4.47 -8.14
N ALA C 94 -8.45 4.48 -8.78
CA ALA C 94 -9.32 5.60 -8.99
CA ALA C 94 -8.64 5.67 -9.60
C ALA C 94 -9.16 6.84 -8.14
C ALA C 94 -8.78 6.84 -8.64
N PHE C 95 -7.98 7.46 -8.22
N PHE C 95 -7.71 7.63 -8.51
CA PHE C 95 -7.75 8.67 -7.45
CA PHE C 95 -7.74 8.74 -7.58
C PHE C 95 -8.72 9.75 -7.93
C PHE C 95 -8.82 9.74 -7.99
N SER C 96 -9.50 10.30 -7.00
CA SER C 96 -10.49 11.31 -7.27
C SER C 96 -9.83 12.59 -7.76
N SER C 97 -10.63 13.47 -8.35
CA SER C 97 -10.13 14.77 -8.75
C SER C 97 -9.56 15.53 -7.56
N GLU C 98 -10.21 15.42 -6.40
CA GLU C 98 -9.75 16.12 -5.21
C GLU C 98 -8.42 15.58 -4.73
N GLN C 99 -8.26 14.26 -4.77
CA GLN C 99 -7.00 13.63 -4.36
C GLN C 99 -5.87 14.05 -5.30
N LEU C 100 -6.13 14.01 -6.60
CA LEU C 100 -5.14 14.40 -7.58
C LEU C 100 -4.77 15.87 -7.47
N ALA C 101 -5.77 16.76 -7.32
CA ALA C 101 -5.44 18.16 -7.17
C ALA C 101 -4.51 18.40 -5.98
N ARG C 102 -4.80 17.73 -4.86
CA ARG C 102 -3.98 17.92 -3.67
C ARG C 102 -2.58 17.38 -3.88
N LEU C 103 -2.47 16.16 -4.43
CA LEU C 103 -1.14 15.58 -4.62
C LEU C 103 -0.31 16.44 -5.56
N LYS C 104 -0.92 16.91 -6.66
CA LYS C 104 -0.19 17.73 -7.63
C LYS C 104 0.27 19.03 -6.99
N ARG C 105 -0.59 19.66 -6.20
CA ARG C 105 -0.20 20.90 -5.55
C ARG C 105 0.92 20.67 -4.55
N GLU C 106 0.79 19.62 -3.73
CA GLU C 106 1.81 19.32 -2.74
C GLU C 106 3.16 19.03 -3.39
N PHE C 107 3.18 18.25 -4.49
CA PHE C 107 4.44 17.97 -5.17
C PHE C 107 5.05 19.26 -5.72
N ASN C 108 4.21 20.14 -6.26
CA ASN C 108 4.75 21.40 -6.79
C ASN C 108 5.30 22.29 -5.67
N GLU C 109 4.71 22.23 -4.48
CA GLU C 109 5.22 23.06 -3.37
C GLU C 109 6.52 22.51 -2.79
N ASN C 110 6.70 21.18 -2.80
CA ASN C 110 7.85 20.56 -2.14
C ASN C 110 7.92 19.13 -2.62
N ARG C 111 9.01 18.78 -3.32
CA ARG C 111 9.17 17.41 -3.83
CA ARG C 111 9.16 17.41 -3.83
C ARG C 111 9.60 16.42 -2.77
N TYR C 112 10.11 16.89 -1.62
CA TYR C 112 10.54 16.00 -0.55
C TYR C 112 9.39 15.78 0.41
N LEU C 113 9.09 14.51 0.66
CA LEU C 113 7.95 14.11 1.47
CA LEU C 113 7.95 14.09 1.47
C LEU C 113 8.45 13.65 2.84
N THR C 114 8.28 14.50 3.85
CA THR C 114 8.55 14.08 5.22
C THR C 114 7.55 13.01 5.65
N GLU C 115 7.95 12.26 6.69
CA GLU C 115 7.01 11.31 7.28
CA GLU C 115 7.02 11.31 7.32
C GLU C 115 5.76 12.03 7.78
N ARG C 116 5.93 13.17 8.42
CA ARG C 116 4.78 13.91 8.94
C ARG C 116 3.84 14.32 7.81
N ARG C 117 4.37 14.80 6.67
CA ARG C 117 3.47 15.20 5.60
C ARG C 117 2.83 13.98 4.94
N ARG C 118 3.59 12.88 4.80
CA ARG C 118 3.02 11.63 4.32
CA ARG C 118 3.01 11.64 4.30
C ARG C 118 1.85 11.20 5.18
N GLN C 119 2.01 11.26 6.51
CA GLN C 119 0.92 10.90 7.42
C GLN C 119 -0.25 11.86 7.29
N GLN C 120 0.04 13.16 7.19
CA GLN C 120 -1.04 14.13 7.04
C GLN C 120 -1.83 13.91 5.76
N LEU C 121 -1.13 13.70 4.64
CA LEU C 121 -1.82 13.47 3.37
C LEU C 121 -2.61 12.16 3.38
N SER C 122 -2.07 11.10 4.00
CA SER C 122 -2.81 9.85 4.14
C SER C 122 -4.12 10.10 4.88
N SER C 123 -4.05 10.85 5.97
CA SER C 123 -5.25 11.18 6.73
C SER C 123 -6.23 12.02 5.92
N GLU C 124 -5.76 13.12 5.34
CA GLU C 124 -6.70 14.05 4.71
C GLU C 124 -7.19 13.56 3.35
N LEU C 125 -6.46 12.63 2.70
CA LEU C 125 -6.86 12.16 1.36
C LEU C 125 -7.48 10.77 1.37
N GLY C 126 -7.42 10.04 2.48
CA GLY C 126 -7.96 8.68 2.49
C GLY C 126 -7.16 7.69 1.68
N LEU C 127 -5.86 7.89 1.56
CA LEU C 127 -4.94 7.01 0.88
C LEU C 127 -3.92 6.50 1.88
N ASN C 128 -3.38 5.30 1.69
CA ASN C 128 -2.39 4.89 2.67
CA ASN C 128 -2.36 4.80 2.60
C ASN C 128 -1.05 5.52 2.36
N GLU C 129 -0.18 5.54 3.37
CA GLU C 129 1.11 6.21 3.23
C GLU C 129 1.90 5.67 2.04
N ALA C 130 1.82 4.35 1.78
CA ALA C 130 2.57 3.80 0.66
C ALA C 130 2.11 4.40 -0.66
N GLN C 131 0.80 4.62 -0.80
CA GLN C 131 0.26 5.22 -2.01
C GLN C 131 0.75 6.63 -2.21
N ILE C 132 0.87 7.40 -1.13
CA ILE C 132 1.38 8.77 -1.27
C ILE C 132 2.83 8.74 -1.72
N LYS C 133 3.65 7.89 -1.08
CA LYS C 133 5.06 7.76 -1.43
C LYS C 133 5.24 7.33 -2.88
N ILE C 134 4.49 6.32 -3.32
CA ILE C 134 4.54 5.87 -4.70
C ILE C 134 4.04 6.95 -5.67
N TRP C 135 3.05 7.77 -5.26
CA TRP C 135 2.60 8.82 -6.17
C TRP C 135 3.70 9.84 -6.42
N PHE C 136 4.41 10.25 -5.37
CA PHE C 136 5.52 11.18 -5.55
C PHE C 136 6.62 10.54 -6.38
N LYS C 137 6.90 9.27 -6.13
CA LYS C 137 7.93 8.55 -6.90
C LYS C 137 7.57 8.51 -8.38
N ASN C 138 6.31 8.21 -8.70
CA ASN C 138 5.91 8.10 -10.10
C ASN C 138 5.93 9.45 -10.78
N LYS C 139 5.54 10.50 -10.05
CA LYS C 139 5.58 11.86 -10.59
C LYS C 139 7.01 12.32 -10.84
N ALA C 140 7.93 12.03 -9.91
CA ALA C 140 9.34 12.36 -10.15
C ALA C 140 9.87 11.61 -11.37
N ALA C 141 9.50 10.34 -11.51
CA ALA C 141 9.98 9.57 -12.65
C ALA C 141 9.44 10.14 -13.95
N LYS C 142 8.17 10.59 -13.95
CA LYS C 142 7.59 11.18 -15.15
C LYS C 142 8.34 12.45 -15.54
N ILE C 143 8.72 13.25 -14.53
CA ILE C 143 9.47 14.46 -14.79
C ILE C 143 10.86 14.13 -15.33
N LYS C 144 11.54 13.15 -14.73
CA LYS C 144 12.85 12.75 -15.22
C LYS C 144 12.78 12.24 -16.65
N LYS C 145 11.68 11.55 -17.00
CA LYS C 145 11.49 11.06 -18.36
C LYS C 145 11.37 12.20 -19.36
N SER C 146 10.79 13.33 -18.95
CA SER C 146 10.71 14.50 -19.82
C SER C 146 12.02 15.26 -19.85
N GLY C 147 12.26 16.11 -18.85
CA GLY C 147 13.49 16.87 -18.78
C GLY C 147 14.21 16.72 -17.45
#